data_4EZE
#
_entry.id   4EZE
#
_cell.length_a   117.634
_cell.length_b   117.634
_cell.length_c   118.815
_cell.angle_alpha   90.00
_cell.angle_beta   90.00
_cell.angle_gamma   90.00
#
_symmetry.space_group_name_H-M   'P 41 21 2'
#
loop_
_entity.id
_entity.type
_entity.pdbx_description
1 polymer 'Haloacid dehalogenase-like hydrolase'
2 non-polymer 'CHLORIDE ION'
3 non-polymer 'SODIUM ION'
4 water water
#
_entity_poly.entity_id   1
_entity_poly.type   'polypeptide(L)'
_entity_poly.pdbx_seq_one_letter_code
;MHHHHHHSSGVDLGTENLYFQSMSIIYFITTQDIDTFQKKLQETLFNAVTMPFPLLFDKRYAALINTAYLKLTLPAECLT
PEFYRYLRELSLQWQFDFFIKPQPLPANGIIAFDMDSTFIAEEGVDEIARELGMSTQITAITQQAMEGKLDFNASFTRRI
GMLKGTPKAVLNAVCDRMTLSPGLLTILPVIKAKGFKTAIISGGLDIFTQRLKARYQLDYAFSNTVEIRDNVLTDNITLP
IMNAANKKQTLVDLAARLNIATENIIACGDGANDLPMLEHAGTGIAWKAKPVVREKIHHQINYHGFELLLFLIEDEL
;
_entity_poly.pdbx_strand_id   A,B
#
loop_
_chem_comp.id
_chem_comp.type
_chem_comp.name
_chem_comp.formula
CL non-polymer 'CHLORIDE ION' 'Cl -1'
NA non-polymer 'SODIUM ION' 'Na 1'
#
# COMPACT_ATOMS: atom_id res chain seq x y z
N GLN A 21 -22.99 -16.53 23.63
CA GLN A 21 -23.05 -15.08 23.25
C GLN A 21 -22.23 -14.18 24.20
N SER A 22 -21.80 -14.73 25.33
CA SER A 22 -20.82 -14.05 26.19
C SER A 22 -19.45 -14.48 25.65
N MET A 23 -19.45 -14.76 24.36
CA MET A 23 -18.23 -15.10 23.67
C MET A 23 -17.92 -13.98 22.68
N SER A 24 -16.64 -13.80 22.39
CA SER A 24 -16.23 -12.87 21.37
C SER A 24 -15.37 -13.62 20.38
N ILE A 25 -15.27 -13.07 19.17
CA ILE A 25 -14.49 -13.66 18.10
C ILE A 25 -13.56 -12.61 17.51
N ILE A 26 -12.33 -13.03 17.26
CA ILE A 26 -11.33 -12.17 16.64
C ILE A 26 -10.74 -12.98 15.51
N TYR A 27 -10.67 -12.38 14.33
CA TYR A 27 -9.98 -13.02 13.20
C TYR A 27 -8.62 -12.39 13.03
N PHE A 28 -7.61 -13.19 12.73
CA PHE A 28 -6.28 -12.68 12.52
C PHE A 28 -5.84 -13.04 11.12
N ILE A 29 -5.31 -12.07 10.40
CA ILE A 29 -4.80 -12.34 9.06
C ILE A 29 -3.36 -11.91 8.96
N THR A 30 -2.51 -12.84 8.55
CA THR A 30 -1.10 -12.58 8.52
C THR A 30 -0.42 -13.36 7.40
N THR A 31 0.75 -12.89 6.94
CA THR A 31 1.56 -13.70 6.00
C THR A 31 2.46 -14.73 6.68
N GLN A 32 2.55 -14.63 8.02
CA GLN A 32 3.36 -15.55 8.81
C GLN A 32 2.71 -16.93 8.82
N ASP A 33 3.53 -17.98 8.78
CA ASP A 33 3.02 -19.35 8.91
C ASP A 33 1.98 -19.34 10.04
N ILE A 34 0.78 -19.82 9.78
CA ILE A 34 -0.30 -19.71 10.78
C ILE A 34 -0.06 -20.50 12.09
N ASP A 35 0.59 -21.65 12.01
CA ASP A 35 0.91 -22.38 13.23
C ASP A 35 1.95 -21.65 14.07
N THR A 36 3.00 -21.16 13.41
CA THR A 36 3.98 -20.32 14.10
C THR A 36 3.31 -19.13 14.75
N PHE A 37 2.32 -18.56 14.06
CA PHE A 37 1.70 -17.33 14.53
C PHE A 37 0.78 -17.63 15.70
N GLN A 38 0.09 -18.75 15.63
CA GLN A 38 -0.75 -19.13 16.73
C GLN A 38 0.11 -19.35 17.97
N LYS A 39 1.16 -20.15 17.81
CA LYS A 39 2.05 -20.49 18.92
C LYS A 39 2.57 -19.20 19.54
N LYS A 40 3.18 -18.39 18.68
CA LYS A 40 3.78 -17.14 19.10
C LYS A 40 2.78 -16.25 19.84
N LEU A 41 1.52 -16.28 19.42
CA LEU A 41 0.54 -15.34 19.96
C LEU A 41 -0.07 -15.85 21.26
N GLN A 42 -0.11 -17.17 21.42
CA GLN A 42 -0.56 -17.72 22.70
C GLN A 42 0.41 -17.30 23.78
N GLU A 43 1.69 -17.53 23.53
CA GLU A 43 2.73 -17.21 24.49
C GLU A 43 2.73 -15.73 24.85
N THR A 44 2.51 -14.85 23.87
CA THR A 44 2.53 -13.43 24.16
C THR A 44 1.24 -12.96 24.84
N LEU A 45 0.13 -13.61 24.51
CA LEU A 45 -1.15 -13.29 25.12
C LEU A 45 -1.32 -13.92 26.51
N PHE A 46 -0.73 -15.09 26.71
CA PHE A 46 -0.82 -15.77 27.99
C PHE A 46 -0.10 -17.12 27.96
N PHE A 53 -11.70 -19.69 31.90
CA PHE A 53 -11.69 -19.22 30.52
C PHE A 53 -11.20 -20.29 29.57
N PRO A 54 -11.60 -20.17 28.30
CA PRO A 54 -11.16 -21.10 27.28
C PRO A 54 -10.82 -20.39 25.98
N LEU A 55 -9.67 -20.72 25.40
CA LEU A 55 -9.24 -20.10 24.14
C LEU A 55 -9.41 -21.07 23.00
N LEU A 56 -10.31 -20.73 22.09
CA LEU A 56 -10.55 -21.58 20.94
C LEU A 56 -9.91 -21.00 19.70
N PHE A 57 -8.93 -21.71 19.16
CA PHE A 57 -8.19 -21.30 17.99
C PHE A 57 -8.50 -22.23 16.87
N ASP A 58 -8.99 -21.70 15.76
CA ASP A 58 -9.31 -22.53 14.62
C ASP A 58 -8.73 -21.88 13.38
N LYS A 59 -7.88 -22.61 12.66
CA LYS A 59 -7.35 -22.08 11.43
C LYS A 59 -8.24 -22.49 10.28
N ARG A 60 -8.55 -21.54 9.41
CA ARG A 60 -9.60 -21.72 8.41
C ARG A 60 -9.24 -21.05 7.10
N TYR A 61 -9.96 -21.38 6.05
CA TYR A 61 -9.67 -20.76 4.78
C TYR A 61 -10.92 -20.21 4.12
N ALA A 62 -10.99 -18.89 4.00
CA ALA A 62 -12.10 -18.30 3.25
C ALA A 62 -11.81 -18.30 1.75
N ALA A 63 -12.31 -19.32 1.04
CA ALA A 63 -12.05 -19.50 -0.39
C ALA A 63 -12.42 -18.30 -1.24
N LEU A 64 -13.51 -17.64 -0.84
CA LEU A 64 -14.10 -16.59 -1.66
C LEU A 64 -13.12 -15.44 -1.81
N ILE A 65 -12.25 -15.23 -0.81
CA ILE A 65 -11.27 -14.14 -0.89
C ILE A 65 -9.87 -14.70 -0.82
N ASN A 66 -9.76 -15.99 -1.04
CA ASN A 66 -8.47 -16.66 -1.02
C ASN A 66 -7.59 -16.28 0.15
N THR A 67 -8.13 -16.40 1.36
CA THR A 67 -7.43 -15.92 2.53
C THR A 67 -7.53 -16.95 3.62
N ALA A 68 -6.40 -17.51 4.02
CA ALA A 68 -6.36 -18.38 5.19
C ALA A 68 -6.22 -17.47 6.42
N TYR A 69 -7.04 -17.70 7.43
CA TYR A 69 -6.95 -16.91 8.67
C TYR A 69 -7.01 -17.74 9.94
N LEU A 70 -6.73 -17.09 11.06
CA LEU A 70 -6.80 -17.71 12.38
C LEU A 70 -7.99 -17.15 13.12
N LYS A 71 -8.87 -18.01 13.62
CA LYS A 71 -10.05 -17.51 14.33
C LYS A 71 -9.92 -17.82 15.82
N LEU A 72 -10.17 -16.83 16.66
CA LEU A 72 -9.98 -17.05 18.07
C LEU A 72 -11.30 -16.74 18.75
N THR A 73 -11.77 -17.66 19.58
CA THR A 73 -12.95 -17.39 20.38
C THR A 73 -12.55 -17.32 21.82
N LEU A 74 -12.96 -16.24 22.47
CA LEU A 74 -12.62 -16.00 23.86
C LEU A 74 -13.75 -15.27 24.53
N PRO A 75 -13.77 -15.30 25.86
CA PRO A 75 -14.82 -14.67 26.64
C PRO A 75 -14.87 -13.20 26.36
N ALA A 76 -16.08 -12.66 26.33
CA ALA A 76 -16.28 -11.27 26.01
C ALA A 76 -15.64 -10.35 27.02
N GLU A 77 -15.53 -10.82 28.26
CA GLU A 77 -14.97 -10.01 29.33
C GLU A 77 -13.56 -9.62 28.96
N CYS A 78 -12.87 -10.53 28.30
CA CYS A 78 -11.49 -10.30 27.93
C CYS A 78 -11.33 -9.08 27.06
N LEU A 79 -12.26 -8.81 26.17
CA LEU A 79 -12.04 -7.68 25.30
C LEU A 79 -12.27 -6.44 26.13
N THR A 80 -11.19 -5.71 26.36
CA THR A 80 -11.20 -4.50 27.15
C THR A 80 -10.34 -3.51 26.44
N PRO A 81 -10.48 -2.25 26.79
CA PRO A 81 -9.76 -1.19 26.10
C PRO A 81 -8.27 -1.42 26.21
N GLU A 82 -7.82 -1.87 27.37
CA GLU A 82 -6.43 -2.22 27.53
C GLU A 82 -6.08 -3.39 26.64
N PHE A 83 -6.99 -4.35 26.50
CA PHE A 83 -6.66 -5.51 25.70
C PHE A 83 -6.59 -5.13 24.20
N TYR A 84 -7.46 -4.22 23.78
CA TYR A 84 -7.44 -3.73 22.41
C TYR A 84 -6.12 -3.03 22.13
N ARG A 85 -5.85 -1.98 22.91
CA ARG A 85 -4.61 -1.23 22.77
C ARG A 85 -3.43 -2.19 22.56
N TYR A 86 -3.33 -3.21 23.41
CA TYR A 86 -2.20 -4.14 23.32
C TYR A 86 -2.25 -4.99 22.04
N LEU A 87 -3.43 -5.47 21.67
CA LEU A 87 -3.53 -6.26 20.44
C LEU A 87 -3.07 -5.42 19.22
N ARG A 88 -3.60 -4.20 19.14
CA ARG A 88 -3.28 -3.26 18.09
C ARG A 88 -1.78 -2.96 18.03
N GLU A 89 -1.18 -2.63 19.15
CA GLU A 89 0.25 -2.34 19.15
C GLU A 89 1.04 -3.55 18.63
N LEU A 90 0.59 -4.71 19.05
CA LEU A 90 1.20 -5.98 18.67
C LEU A 90 1.03 -6.24 17.19
N SER A 91 -0.08 -5.78 16.64
CA SER A 91 -0.36 -6.09 15.25
C SER A 91 0.51 -5.21 14.41
N LEU A 92 0.89 -4.05 14.96
CA LEU A 92 1.77 -3.14 14.22
C LEU A 92 3.23 -3.60 14.33
N GLN A 93 3.57 -4.32 15.38
CA GLN A 93 4.95 -4.74 15.53
C GLN A 93 5.18 -6.02 14.77
N TRP A 94 4.20 -6.92 14.80
CA TRP A 94 4.35 -8.13 13.99
C TRP A 94 3.70 -7.99 12.62
N GLN A 95 3.07 -6.85 12.36
CA GLN A 95 2.40 -6.60 11.09
C GLN A 95 1.37 -7.64 10.73
N PHE A 96 0.27 -7.69 11.48
CA PHE A 96 -0.86 -8.48 11.00
C PHE A 96 -2.07 -7.61 11.15
N ASP A 97 -3.13 -7.99 10.45
CA ASP A 97 -4.41 -7.33 10.61
C ASP A 97 -5.28 -8.22 11.44
N PHE A 98 -6.29 -7.64 12.06
CA PHE A 98 -7.26 -8.49 12.73
C PHE A 98 -8.59 -7.79 12.73
N PHE A 99 -9.63 -8.54 13.07
CA PHE A 99 -10.94 -7.95 13.30
C PHE A 99 -11.58 -8.57 14.51
N ILE A 100 -12.14 -7.72 15.36
CA ILE A 100 -13.00 -8.18 16.41
C ILE A 100 -14.40 -8.21 15.83
N LYS A 101 -14.94 -9.41 15.67
CA LYS A 101 -16.25 -9.56 15.05
C LYS A 101 -17.31 -8.71 15.76
N PRO A 102 -17.96 -7.82 15.00
CA PRO A 102 -19.01 -7.04 15.61
C PRO A 102 -20.21 -7.91 16.01
N GLN A 103 -20.94 -7.51 17.05
CA GLN A 103 -22.15 -8.19 17.46
C GLN A 103 -23.17 -7.14 17.88
N PRO A 104 -24.28 -7.08 17.14
CA PRO A 104 -24.49 -8.03 16.08
C PRO A 104 -23.64 -7.71 14.83
N LEU A 105 -23.53 -8.66 13.91
CA LEU A 105 -22.86 -8.45 12.64
C LEU A 105 -23.73 -7.58 11.77
N PRO A 106 -23.14 -6.65 11.01
CA PRO A 106 -23.92 -5.83 10.11
C PRO A 106 -24.54 -6.70 9.04
N ALA A 107 -25.72 -6.31 8.56
CA ALA A 107 -26.39 -7.13 7.56
C ALA A 107 -27.44 -6.34 6.80
N ASN A 108 -27.57 -6.64 5.49
CA ASN A 108 -28.48 -5.93 4.58
C ASN A 108 -28.42 -4.44 4.78
N GLY A 109 -27.20 -3.90 4.81
CA GLY A 109 -27.01 -2.51 5.14
C GLY A 109 -26.39 -1.70 4.03
N ILE A 110 -25.60 -0.71 4.43
CA ILE A 110 -24.86 0.12 3.50
C ILE A 110 -23.37 -0.03 3.80
N ILE A 111 -22.55 -0.02 2.76
CA ILE A 111 -21.14 0.16 2.96
C ILE A 111 -20.78 1.39 2.18
N ALA A 112 -20.35 2.44 2.88
CA ALA A 112 -19.93 3.70 2.26
C ALA A 112 -18.40 3.74 2.19
N PHE A 113 -17.87 4.27 1.09
CA PHE A 113 -16.42 4.48 0.93
C PHE A 113 -16.10 5.96 0.64
N ASP A 114 -15.11 6.51 1.34
CA ASP A 114 -14.53 7.78 0.90
C ASP A 114 -13.92 7.48 -0.48
N MET A 115 -13.62 8.50 -1.27
CA MET A 115 -13.01 8.25 -2.58
C MET A 115 -11.49 8.28 -2.51
N ASP A 116 -10.91 9.48 -2.36
CA ASP A 116 -9.46 9.60 -2.46
C ASP A 116 -8.72 8.81 -1.37
N SER A 117 -7.69 8.07 -1.79
CA SER A 117 -6.86 7.32 -0.86
C SER A 117 -7.67 6.29 -0.07
N THR A 118 -8.90 6.06 -0.48
CA THR A 118 -9.68 4.97 0.07
C THR A 118 -10.17 4.05 -1.05
N PHE A 119 -11.23 4.45 -1.75
CA PHE A 119 -11.71 3.65 -2.88
C PHE A 119 -10.66 3.61 -3.99
N ILE A 120 -9.96 4.72 -4.20
CA ILE A 120 -8.88 4.76 -5.19
C ILE A 120 -7.61 5.07 -4.43
N ALA A 121 -6.46 4.64 -4.94
CA ALA A 121 -5.20 4.91 -4.21
C ALA A 121 -4.83 6.38 -4.27
N GLU A 122 -5.30 7.09 -5.29
CA GLU A 122 -4.78 8.44 -5.53
C GLU A 122 -5.59 9.58 -4.91
N GLU A 123 -5.05 10.78 -5.04
CA GLU A 123 -5.75 11.99 -4.67
C GLU A 123 -6.16 12.75 -5.93
N GLY A 124 -7.42 12.65 -6.31
CA GLY A 124 -7.93 13.21 -7.56
C GLY A 124 -7.46 14.61 -7.91
N VAL A 125 -7.69 15.56 -7.02
CA VAL A 125 -7.27 16.93 -7.28
C VAL A 125 -5.76 17.13 -7.38
N ASP A 126 -4.99 16.40 -6.57
CA ASP A 126 -3.53 16.41 -6.72
C ASP A 126 -3.11 15.91 -8.07
N GLU A 127 -3.77 14.86 -8.54
CA GLU A 127 -3.43 14.27 -9.81
C GLU A 127 -3.74 15.22 -10.94
N ILE A 128 -4.80 15.99 -10.81
CA ILE A 128 -5.12 16.93 -11.85
C ILE A 128 -4.06 18.01 -11.87
N ALA A 129 -3.69 18.49 -10.69
CA ALA A 129 -2.63 19.44 -10.50
C ALA A 129 -1.33 19.02 -11.14
N ARG A 130 -0.92 17.78 -10.90
CA ARG A 130 0.36 17.36 -11.46
C ARG A 130 0.28 17.29 -12.97
N GLU A 131 -0.86 16.84 -13.48
CA GLU A 131 -1.07 16.82 -14.92
C GLU A 131 -0.93 18.23 -15.53
N LEU A 132 -1.22 19.27 -14.73
CA LEU A 132 -1.27 20.63 -15.23
C LEU A 132 -0.03 21.43 -14.87
N GLY A 133 0.93 20.81 -14.22
CA GLY A 133 2.15 21.53 -13.82
C GLY A 133 1.97 22.40 -12.57
N MET A 134 0.98 22.09 -11.75
CA MET A 134 0.68 22.97 -10.61
C MET A 134 0.80 22.32 -9.26
N SER A 135 1.56 21.23 -9.18
CA SER A 135 1.65 20.48 -7.95
C SER A 135 2.14 21.33 -6.79
N THR A 136 3.03 22.28 -7.08
CA THR A 136 3.57 23.12 -6.01
C THR A 136 2.51 24.10 -5.48
N GLN A 137 1.79 24.74 -6.39
CA GLN A 137 0.74 25.69 -6.00
C GLN A 137 -0.30 24.99 -5.15
N ILE A 138 -0.78 23.86 -5.67
CA ILE A 138 -1.85 23.15 -5.03
C ILE A 138 -1.35 22.53 -3.73
N THR A 139 -0.15 21.97 -3.77
CA THR A 139 0.38 21.39 -2.55
C THR A 139 0.53 22.47 -1.48
N ALA A 140 0.73 23.71 -1.90
CA ALA A 140 0.90 24.80 -0.93
C ALA A 140 -0.39 25.16 -0.22
N ILE A 141 -1.49 25.14 -0.96
CA ILE A 141 -2.78 25.38 -0.38
C ILE A 141 -3.00 24.31 0.68
N THR A 142 -2.67 23.07 0.33
CA THR A 142 -2.77 21.96 1.28
C THR A 142 -1.94 22.28 2.51
N GLN A 143 -0.74 22.80 2.27
CA GLN A 143 0.13 23.29 3.33
C GLN A 143 -0.64 24.15 4.30
N GLN A 144 -1.24 25.24 3.83
CA GLN A 144 -1.88 26.16 4.74
C GLN A 144 -3.00 25.53 5.55
N ALA A 145 -3.83 24.71 4.91
CA ALA A 145 -4.94 24.11 5.64
C ALA A 145 -4.48 23.15 6.73
N MET A 146 -3.50 22.30 6.41
CA MET A 146 -3.02 21.32 7.37
C MET A 146 -2.37 21.99 8.56
N GLU A 147 -1.67 23.07 8.30
CA GLU A 147 -0.99 23.84 9.32
C GLU A 147 -2.02 24.59 10.16
N GLY A 148 -3.26 24.54 9.70
CA GLY A 148 -4.38 25.15 10.41
C GLY A 148 -4.55 26.60 10.05
N LYS A 149 -3.71 27.06 9.13
CA LYS A 149 -3.76 28.42 8.65
C LYS A 149 -5.01 28.74 7.84
N LEU A 150 -5.62 27.69 7.27
CA LEU A 150 -6.78 27.87 6.40
C LEU A 150 -7.89 26.85 6.61
N ASP A 151 -9.13 27.27 6.39
CA ASP A 151 -10.27 26.37 6.49
C ASP A 151 -10.31 25.34 5.35
N PHE A 152 -10.79 24.15 5.64
CA PHE A 152 -10.86 23.08 4.66
C PHE A 152 -11.75 23.40 3.48
N ASN A 153 -12.86 24.07 3.72
CA ASN A 153 -13.71 24.48 2.62
C ASN A 153 -12.95 25.44 1.72
N ALA A 154 -12.21 26.35 2.35
CA ALA A 154 -11.42 27.33 1.62
C ALA A 154 -10.23 26.63 0.95
N SER A 155 -9.76 25.55 1.55
CA SER A 155 -8.78 24.69 0.89
C SER A 155 -9.41 24.14 -0.39
N PHE A 156 -10.60 23.57 -0.26
CA PHE A 156 -11.28 23.02 -1.42
C PHE A 156 -11.56 24.10 -2.48
N THR A 157 -12.10 25.24 -2.07
CA THR A 157 -12.46 26.26 -3.05
C THR A 157 -11.20 26.76 -3.76
N ARG A 158 -10.17 27.08 -2.98
CA ARG A 158 -8.90 27.55 -3.56
C ARG A 158 -8.32 26.60 -4.60
N ARG A 159 -8.25 25.32 -4.25
CA ARG A 159 -7.69 24.35 -5.18
C ARG A 159 -8.54 24.21 -6.44
N ILE A 160 -9.86 24.23 -6.26
CA ILE A 160 -10.75 24.19 -7.41
C ILE A 160 -10.58 25.45 -8.25
N GLY A 161 -10.42 26.59 -7.58
CA GLY A 161 -10.19 27.87 -8.28
C GLY A 161 -8.96 27.82 -9.16
N MET A 162 -7.97 27.03 -8.76
CA MET A 162 -6.69 26.93 -9.48
C MET A 162 -6.87 26.14 -10.74
N LEU A 163 -7.98 25.44 -10.85
CA LEU A 163 -8.19 24.52 -11.96
C LEU A 163 -9.18 25.05 -13.00
N LYS A 164 -9.65 26.27 -12.80
CA LYS A 164 -10.62 26.86 -13.69
C LYS A 164 -10.14 26.77 -15.14
N GLY A 165 -11.04 26.42 -16.04
CA GLY A 165 -10.65 26.21 -17.44
C GLY A 165 -10.13 24.82 -17.86
N THR A 166 -9.96 23.89 -16.91
CA THR A 166 -9.50 22.55 -17.29
C THR A 166 -10.56 21.86 -18.14
N PRO A 167 -10.14 21.32 -19.28
CA PRO A 167 -11.03 20.65 -20.23
C PRO A 167 -11.58 19.33 -19.70
N LYS A 168 -12.86 19.08 -19.95
CA LYS A 168 -13.49 17.82 -19.55
C LYS A 168 -12.59 16.63 -19.88
N ALA A 169 -11.88 16.72 -20.98
CA ALA A 169 -11.11 15.59 -21.49
C ALA A 169 -9.85 15.30 -20.65
N VAL A 170 -9.24 16.34 -20.11
CA VAL A 170 -8.09 16.17 -19.24
C VAL A 170 -8.55 15.45 -17.95
N LEU A 171 -9.63 15.96 -17.38
CA LEU A 171 -10.26 15.39 -16.20
C LEU A 171 -10.64 13.92 -16.40
N ASN A 172 -11.28 13.63 -17.52
CA ASN A 172 -11.68 12.27 -17.80
C ASN A 172 -10.45 11.39 -17.91
N ALA A 173 -9.41 11.90 -18.56
CA ALA A 173 -8.18 11.17 -18.70
C ALA A 173 -7.54 10.91 -17.35
N VAL A 174 -7.56 11.92 -16.49
CA VAL A 174 -6.99 11.77 -15.16
C VAL A 174 -7.76 10.74 -14.39
N CYS A 175 -9.08 10.78 -14.52
CA CYS A 175 -9.94 9.83 -13.85
C CYS A 175 -9.67 8.42 -14.34
N ASP A 176 -9.43 8.30 -15.63
CA ASP A 176 -9.19 7.01 -16.26
C ASP A 176 -7.95 6.31 -15.73
N ARG A 177 -6.91 7.06 -15.41
CA ARG A 177 -5.67 6.46 -14.91
C ARG A 177 -5.64 6.23 -13.39
N MET A 178 -6.73 6.58 -12.70
CA MET A 178 -6.84 6.34 -11.27
C MET A 178 -6.92 4.83 -11.02
N THR A 179 -6.39 4.36 -9.91
CA THR A 179 -6.42 2.92 -9.66
C THR A 179 -7.26 2.54 -8.46
N LEU A 180 -8.16 1.59 -8.69
CA LEU A 180 -8.93 0.94 -7.63
C LEU A 180 -7.99 0.47 -6.55
N SER A 181 -8.37 0.68 -5.28
CA SER A 181 -7.60 0.16 -4.15
C SER A 181 -7.77 -1.35 -4.15
N PRO A 182 -6.72 -2.07 -3.78
CA PRO A 182 -6.66 -3.54 -3.78
C PRO A 182 -7.81 -4.22 -3.05
N GLY A 183 -8.39 -5.23 -3.68
CA GLY A 183 -9.35 -6.14 -3.03
C GLY A 183 -10.80 -5.79 -3.34
N LEU A 184 -11.01 -4.62 -3.95
CA LEU A 184 -12.37 -4.12 -4.19
C LEU A 184 -13.04 -4.89 -5.32
N LEU A 185 -12.28 -5.24 -6.35
CA LEU A 185 -12.83 -6.06 -7.42
C LEU A 185 -13.31 -7.36 -6.83
N THR A 186 -12.47 -7.98 -6.02
CA THR A 186 -12.92 -9.22 -5.38
C THR A 186 -14.13 -9.01 -4.46
N ILE A 187 -14.11 -7.96 -3.64
CA ILE A 187 -15.09 -7.91 -2.55
C ILE A 187 -16.44 -7.29 -2.93
N LEU A 188 -16.44 -6.43 -3.96
CA LEU A 188 -17.64 -5.69 -4.35
C LEU A 188 -18.87 -6.53 -4.75
N PRO A 189 -18.63 -7.58 -5.52
CA PRO A 189 -19.67 -8.53 -5.94
C PRO A 189 -20.20 -9.29 -4.73
N VAL A 190 -19.34 -9.50 -3.75
CA VAL A 190 -19.73 -10.20 -2.54
C VAL A 190 -20.60 -9.31 -1.65
N ILE A 191 -20.25 -8.02 -1.60
CA ILE A 191 -21.03 -7.05 -0.84
C ILE A 191 -22.47 -7.06 -1.34
N LYS A 192 -22.58 -7.06 -2.66
CA LYS A 192 -23.86 -7.11 -3.33
C LYS A 192 -24.57 -8.43 -3.01
N ALA A 193 -23.87 -9.56 -3.14
CA ALA A 193 -24.47 -10.87 -2.86
C ALA A 193 -24.97 -10.95 -1.44
N LYS A 194 -24.47 -10.07 -0.58
CA LYS A 194 -24.82 -10.16 0.85
C LYS A 194 -25.90 -9.16 1.17
N GLY A 195 -26.41 -8.53 0.13
CA GLY A 195 -27.56 -7.63 0.29
C GLY A 195 -27.26 -6.24 0.82
N PHE A 196 -26.01 -5.80 0.65
CA PHE A 196 -25.63 -4.45 1.06
C PHE A 196 -25.75 -3.52 -0.12
N LYS A 197 -26.07 -2.26 0.16
CA LYS A 197 -25.89 -1.21 -0.84
C LYS A 197 -24.50 -0.58 -0.69
N THR A 198 -23.88 -0.24 -1.83
CA THR A 198 -22.60 0.46 -1.85
C THR A 198 -22.76 1.95 -2.14
N ALA A 199 -21.95 2.77 -1.50
CA ALA A 199 -21.94 4.21 -1.72
C ALA A 199 -20.51 4.75 -1.74
N ILE A 200 -20.27 5.75 -2.58
CA ILE A 200 -19.14 6.63 -2.38
C ILE A 200 -19.63 7.92 -1.77
N ILE A 201 -18.97 8.35 -0.69
CA ILE A 201 -19.27 9.65 -0.09
C ILE A 201 -17.95 10.38 0.13
N SER A 202 -17.79 11.54 -0.49
CA SER A 202 -16.48 12.17 -0.66
C SER A 202 -16.53 13.70 -0.83
N GLY A 203 -15.47 14.37 -0.37
CA GLY A 203 -15.26 15.81 -0.59
C GLY A 203 -14.68 16.15 -1.96
N GLY A 204 -14.59 15.15 -2.84
CA GLY A 204 -13.98 15.33 -4.16
C GLY A 204 -14.94 15.80 -5.25
N LEU A 205 -14.47 15.79 -6.49
CA LEU A 205 -15.23 16.22 -7.66
C LEU A 205 -16.28 15.21 -8.11
N ASP A 206 -17.43 15.72 -8.54
CA ASP A 206 -18.51 14.85 -8.99
C ASP A 206 -18.15 14.17 -10.30
N ILE A 207 -17.31 14.80 -11.11
CA ILE A 207 -17.02 14.15 -12.36
C ILE A 207 -16.33 12.83 -12.09
N PHE A 208 -15.38 12.84 -11.16
CA PHE A 208 -14.73 11.62 -10.74
C PHE A 208 -15.67 10.65 -10.03
N THR A 209 -16.46 11.18 -9.11
CA THR A 209 -17.31 10.36 -8.29
C THR A 209 -18.38 9.63 -9.09
N GLN A 210 -19.05 10.33 -9.98
CA GLN A 210 -20.07 9.71 -10.80
C GLN A 210 -19.47 8.71 -11.76
N ARG A 211 -18.32 9.05 -12.32
CA ARG A 211 -17.65 8.19 -13.26
C ARG A 211 -17.24 6.88 -12.58
N LEU A 212 -16.74 6.99 -11.36
CA LEU A 212 -16.39 5.81 -10.59
C LEU A 212 -17.62 5.01 -10.26
N LYS A 213 -18.70 5.70 -9.91
CA LYS A 213 -19.93 4.99 -9.60
C LYS A 213 -20.37 4.17 -10.81
N ALA A 214 -20.53 4.83 -11.95
CA ALA A 214 -21.04 4.15 -13.12
C ALA A 214 -20.05 3.05 -13.52
N ARG A 215 -18.76 3.37 -13.50
CA ARG A 215 -17.73 2.38 -13.87
C ARG A 215 -17.75 1.08 -13.06
N TYR A 216 -18.25 1.11 -11.83
CA TYR A 216 -18.20 -0.08 -10.98
C TYR A 216 -19.53 -0.43 -10.40
N GLN A 217 -20.59 0.15 -10.96
CA GLN A 217 -21.94 -0.30 -10.61
C GLN A 217 -22.32 0.02 -9.17
N LEU A 218 -21.67 1.01 -8.55
CA LEU A 218 -22.01 1.35 -7.17
C LEU A 218 -23.45 1.84 -7.14
N ASP A 219 -24.13 1.65 -6.01
CA ASP A 219 -25.53 2.01 -5.92
C ASP A 219 -25.68 3.52 -5.80
N TYR A 220 -24.83 4.12 -4.97
CA TYR A 220 -24.89 5.57 -4.74
C TYR A 220 -23.51 6.22 -4.81
N ALA A 221 -23.53 7.54 -4.93
CA ALA A 221 -22.32 8.31 -5.10
C ALA A 221 -22.68 9.78 -4.85
N PHE A 222 -21.94 10.44 -3.97
CA PHE A 222 -22.25 11.79 -3.55
C PHE A 222 -20.92 12.49 -3.38
N SER A 223 -20.79 13.72 -3.85
CA SER A 223 -19.60 14.50 -3.49
C SER A 223 -19.89 15.98 -3.69
N ASN A 224 -18.85 16.79 -3.71
CA ASN A 224 -19.03 18.19 -4.11
C ASN A 224 -19.34 18.24 -5.60
N THR A 225 -20.01 19.31 -6.03
CA THR A 225 -20.33 19.42 -7.43
C THR A 225 -19.68 20.68 -7.97
N VAL A 226 -18.88 20.54 -9.00
CA VAL A 226 -18.30 21.71 -9.67
C VAL A 226 -18.76 21.71 -11.11
N GLU A 227 -19.49 22.75 -11.51
CA GLU A 227 -20.12 22.76 -12.82
C GLU A 227 -19.08 22.78 -13.92
N ILE A 228 -19.39 22.10 -15.01
CA ILE A 228 -18.58 22.12 -16.20
C ILE A 228 -19.45 22.70 -17.29
N ARG A 229 -18.96 23.76 -17.93
CA ARG A 229 -19.71 24.45 -18.96
C ARG A 229 -18.83 24.74 -20.17
N ASP A 230 -19.39 24.58 -21.36
CA ASP A 230 -18.63 24.67 -22.62
C ASP A 230 -17.46 23.75 -22.54
N ASN A 231 -17.67 22.63 -21.87
CA ASN A 231 -16.63 21.61 -21.79
C ASN A 231 -15.38 21.96 -21.00
N VAL A 232 -15.43 23.01 -20.19
CA VAL A 232 -14.30 23.24 -19.30
C VAL A 232 -14.79 23.45 -17.89
N LEU A 233 -13.95 23.07 -16.94
CA LEU A 233 -14.27 23.25 -15.52
C LEU A 233 -14.56 24.71 -15.20
N THR A 234 -15.69 24.99 -14.55
CA THR A 234 -15.95 26.32 -14.02
C THR A 234 -15.46 26.33 -12.59
N ASP A 235 -15.71 27.43 -11.88
CA ASP A 235 -15.54 27.48 -10.43
C ASP A 235 -16.91 27.62 -9.77
N ASN A 236 -17.99 27.18 -10.45
CA ASN A 236 -19.30 27.17 -9.83
CA ASN A 236 -19.31 27.16 -9.83
C ASN A 236 -19.44 25.91 -8.97
N ILE A 237 -19.17 26.07 -7.69
CA ILE A 237 -19.23 24.97 -6.75
C ILE A 237 -20.62 24.96 -6.09
N THR A 238 -21.33 23.84 -6.16
CA THR A 238 -22.63 23.72 -5.45
C THR A 238 -22.50 23.92 -3.93
N LEU A 239 -23.24 24.88 -3.35
CA LEU A 239 -23.26 25.06 -1.87
C LEU A 239 -24.51 24.46 -1.25
N PRO A 240 -24.42 23.96 0.00
CA PRO A 240 -23.26 23.96 0.90
C PRO A 240 -22.23 22.89 0.48
N ILE A 241 -20.96 23.13 0.80
CA ILE A 241 -19.88 22.25 0.35
C ILE A 241 -19.89 20.98 1.17
N MET A 242 -19.52 19.86 0.55
CA MET A 242 -19.47 18.56 1.22
C MET A 242 -18.24 18.47 2.11
N ASN A 243 -18.32 19.04 3.30
CA ASN A 243 -17.22 18.91 4.25
C ASN A 243 -17.43 17.68 5.10
N ALA A 244 -16.73 17.60 6.23
CA ALA A 244 -16.68 16.40 7.04
C ALA A 244 -18.06 16.12 7.65
N ALA A 245 -18.64 17.14 8.28
CA ALA A 245 -19.96 16.98 8.88
C ALA A 245 -21.01 16.62 7.81
N ASN A 246 -20.87 17.19 6.62
CA ASN A 246 -21.81 16.80 5.57
C ASN A 246 -21.66 15.39 5.01
N LYS A 247 -20.49 14.79 5.18
CA LYS A 247 -20.30 13.42 4.73
C LYS A 247 -21.06 12.51 5.65
N LYS A 248 -20.96 12.79 6.94
CA LYS A 248 -21.76 12.08 7.93
C LYS A 248 -23.26 12.24 7.62
N GLN A 249 -23.69 13.47 7.44
CA GLN A 249 -25.10 13.78 7.24
C GLN A 249 -25.67 13.10 5.99
N THR A 250 -24.86 13.04 4.94
CA THR A 250 -25.23 12.28 3.73
C THR A 250 -25.40 10.80 4.09
N LEU A 251 -24.53 10.28 4.93
CA LEU A 251 -24.67 8.88 5.33
C LEU A 251 -25.96 8.69 6.13
N VAL A 252 -26.22 9.59 7.06
CA VAL A 252 -27.41 9.52 7.88
C VAL A 252 -28.65 9.57 7.00
N ASP A 253 -28.69 10.57 6.12
CA ASP A 253 -29.85 10.76 5.25
C ASP A 253 -30.06 9.57 4.32
N LEU A 254 -28.98 8.92 3.90
CA LEU A 254 -29.11 7.79 2.96
C LEU A 254 -29.64 6.59 3.70
N ALA A 255 -29.17 6.44 4.94
CA ALA A 255 -29.59 5.31 5.71
C ALA A 255 -31.07 5.53 6.04
N ALA A 256 -31.46 6.76 6.34
CA ALA A 256 -32.88 7.07 6.61
C ALA A 256 -33.70 6.67 5.41
N ARG A 257 -33.28 7.13 4.24
CA ARG A 257 -34.05 6.85 3.06
C ARG A 257 -34.18 5.35 2.86
N LEU A 258 -33.10 4.60 3.07
CA LEU A 258 -33.14 3.16 2.81
C LEU A 258 -33.67 2.38 4.02
N ASN A 259 -34.05 3.08 5.06
CA ASN A 259 -34.49 2.46 6.30
C ASN A 259 -33.51 1.47 6.90
N ILE A 260 -32.26 1.90 7.00
CA ILE A 260 -31.18 1.04 7.44
C ILE A 260 -30.69 1.49 8.81
N ALA A 261 -30.72 0.58 9.78
CA ALA A 261 -30.26 0.87 11.14
C ALA A 261 -28.76 1.13 11.18
N THR A 262 -28.35 1.96 12.12
CA THR A 262 -26.96 2.35 12.22
C THR A 262 -26.06 1.16 12.39
N GLU A 263 -26.49 0.14 13.11
CA GLU A 263 -25.57 -0.94 13.33
C GLU A 263 -25.32 -1.67 12.02
N ASN A 264 -26.06 -1.32 10.98
CA ASN A 264 -25.89 -2.07 9.72
C ASN A 264 -25.18 -1.21 8.70
N ILE A 265 -24.68 -0.07 9.17
CA ILE A 265 -23.90 0.84 8.32
C ILE A 265 -22.40 0.61 8.50
N ILE A 266 -21.76 0.18 7.42
CA ILE A 266 -20.29 0.15 7.36
C ILE A 266 -19.78 1.35 6.51
N ALA A 267 -18.82 2.10 7.05
CA ALA A 267 -18.15 3.21 6.34
C ALA A 267 -16.64 3.02 6.43
N CYS A 268 -15.93 3.31 5.35
CA CYS A 268 -14.46 3.12 5.27
C CYS A 268 -13.82 4.43 4.85
N GLY A 269 -12.70 4.80 5.47
CA GLY A 269 -12.01 6.04 5.12
C GLY A 269 -10.59 6.03 5.66
N ASP A 270 -9.79 6.99 5.20
CA ASP A 270 -8.41 7.10 5.60
C ASP A 270 -8.08 8.40 6.35
N GLY A 271 -8.86 9.46 6.15
CA GLY A 271 -8.47 10.84 6.60
C GLY A 271 -9.34 11.49 7.65
N ALA A 272 -8.80 12.53 8.28
CA ALA A 272 -9.53 13.25 9.33
C ALA A 272 -10.93 13.69 8.87
N ASN A 273 -11.10 14.09 7.60
CA ASN A 273 -12.43 14.53 7.18
C ASN A 273 -13.44 13.37 7.08
N ASP A 274 -12.97 12.16 7.43
CA ASP A 274 -13.78 10.95 7.43
C ASP A 274 -14.24 10.60 8.86
N LEU A 275 -13.58 11.16 9.86
CA LEU A 275 -13.91 10.77 11.26
C LEU A 275 -15.40 10.82 11.65
N PRO A 276 -16.10 11.94 11.36
CA PRO A 276 -17.50 12.03 11.75
C PRO A 276 -18.31 10.90 11.13
N MET A 277 -18.10 10.69 9.84
CA MET A 277 -18.73 9.60 9.12
C MET A 277 -18.34 8.22 9.65
N LEU A 278 -17.08 8.01 9.98
CA LEU A 278 -16.69 6.69 10.48
C LEU A 278 -17.15 6.46 11.93
N GLU A 279 -17.16 7.54 12.70
CA GLU A 279 -17.58 7.41 14.09
C GLU A 279 -19.08 7.17 14.15
N HIS A 280 -19.80 7.74 13.21
CA HIS A 280 -21.24 7.49 13.15
C HIS A 280 -21.58 6.07 12.70
N ALA A 281 -20.90 5.55 11.69
CA ALA A 281 -21.20 4.20 11.22
C ALA A 281 -21.19 3.19 12.37
N GLY A 282 -21.98 2.13 12.23
CA GLY A 282 -22.00 1.06 13.25
C GLY A 282 -20.63 0.42 13.27
N THR A 283 -20.09 0.17 12.09
CA THR A 283 -18.78 -0.41 11.94
C THR A 283 -17.96 0.50 11.03
N GLY A 284 -17.08 1.28 11.65
CA GLY A 284 -16.21 2.26 10.97
C GLY A 284 -14.86 1.60 10.76
N ILE A 285 -14.32 1.75 9.56
CA ILE A 285 -13.10 1.07 9.21
C ILE A 285 -12.07 2.08 8.73
N ALA A 286 -10.89 2.09 9.35
CA ALA A 286 -9.84 2.98 8.93
C ALA A 286 -8.95 2.23 7.97
N TRP A 287 -8.86 2.75 6.76
CA TRP A 287 -8.09 2.09 5.73
C TRP A 287 -6.73 2.75 5.57
N LYS A 288 -5.69 2.08 6.04
CA LYS A 288 -4.32 2.54 5.83
C LYS A 288 -4.30 4.00 6.21
N ALA A 289 -4.96 4.30 7.32
CA ALA A 289 -5.32 5.63 7.73
C ALA A 289 -4.28 6.55 8.36
N LYS A 290 -4.56 7.83 8.32
CA LYS A 290 -3.80 8.82 9.09
C LYS A 290 -3.79 8.48 10.58
N PRO A 291 -2.67 8.80 11.24
CA PRO A 291 -2.48 8.58 12.68
C PRO A 291 -3.68 9.00 13.54
N VAL A 292 -4.25 10.18 13.28
CA VAL A 292 -5.34 10.64 14.12
C VAL A 292 -6.59 9.77 13.96
N VAL A 293 -6.75 9.19 12.77
CA VAL A 293 -7.83 8.24 12.51
C VAL A 293 -7.53 6.88 13.13
N ARG A 294 -6.32 6.37 12.96
CA ARG A 294 -5.98 5.07 13.53
CA ARG A 294 -6.02 5.06 13.54
C ARG A 294 -6.21 5.08 15.06
N GLU A 295 -6.24 6.26 15.66
CA GLU A 295 -6.38 6.34 17.10
C GLU A 295 -7.82 6.37 17.58
N LYS A 296 -8.71 6.94 16.80
CA LYS A 296 -10.12 6.87 17.21
C LYS A 296 -10.84 5.66 16.65
N ILE A 297 -10.39 5.14 15.51
CA ILE A 297 -11.13 4.04 14.87
C ILE A 297 -10.40 2.71 14.95
N HIS A 298 -11.06 1.74 15.57
CA HIS A 298 -10.43 0.51 16.02
C HIS A 298 -10.58 -0.69 15.10
N HIS A 299 -11.48 -0.59 14.14
CA HIS A 299 -11.46 -1.52 13.01
C HIS A 299 -10.51 -0.94 11.96
N GLN A 300 -9.52 -1.71 11.52
CA GLN A 300 -8.54 -1.17 10.58
C GLN A 300 -8.08 -2.20 9.58
N ILE A 301 -7.77 -1.72 8.39
CA ILE A 301 -6.98 -2.54 7.50
C ILE A 301 -5.66 -1.83 7.26
N ASN A 302 -4.57 -2.50 7.63
CA ASN A 302 -3.27 -1.88 7.54
C ASN A 302 -2.32 -2.60 6.61
N TYR A 303 -2.47 -3.91 6.45
CA TYR A 303 -1.51 -4.67 5.63
C TYR A 303 -2.12 -5.55 4.53
N HIS A 304 -3.42 -5.46 4.28
CA HIS A 304 -4.02 -6.28 3.22
C HIS A 304 -4.97 -5.40 2.46
N GLY A 305 -5.86 -5.97 1.67
CA GLY A 305 -6.76 -5.13 0.88
C GLY A 305 -8.18 -5.25 1.38
N PHE A 306 -9.11 -4.70 0.61
CA PHE A 306 -10.50 -4.67 1.00
C PHE A 306 -11.17 -6.06 0.93
N GLU A 307 -10.45 -7.07 0.43
CA GLU A 307 -11.01 -8.43 0.51
C GLU A 307 -11.40 -8.70 1.96
N LEU A 308 -10.64 -8.12 2.90
CA LEU A 308 -10.88 -8.35 4.34
C LEU A 308 -12.25 -7.89 4.86
N LEU A 309 -12.94 -7.01 4.15
CA LEU A 309 -14.29 -6.66 4.59
C LEU A 309 -15.18 -7.93 4.71
N LEU A 310 -14.80 -9.01 4.06
CA LEU A 310 -15.55 -10.24 4.29
C LEU A 310 -15.83 -10.49 5.77
N PHE A 311 -14.81 -10.34 6.61
CA PHE A 311 -14.94 -10.66 8.06
C PHE A 311 -15.98 -9.85 8.79
N LEU A 312 -16.46 -8.79 8.16
CA LEU A 312 -17.41 -7.96 8.83
C LEU A 312 -18.80 -8.14 8.22
N ILE A 313 -18.96 -9.01 7.23
CA ILE A 313 -20.29 -9.17 6.63
C ILE A 313 -20.72 -10.61 6.44
N GLU A 314 -19.77 -11.54 6.51
CA GLU A 314 -20.05 -12.98 6.41
C GLU A 314 -20.01 -13.62 7.80
N ASP A 315 -21.11 -14.26 8.20
CA ASP A 315 -21.25 -14.78 9.56
C ASP A 315 -20.59 -16.14 9.66
N GLU A 316 -20.54 -16.82 8.52
CA GLU A 316 -20.10 -18.21 8.43
C GLU A 316 -18.62 -18.33 8.20
N LEU A 317 -17.83 -17.86 9.15
CA LEU A 317 -16.38 -17.86 9.02
C LEU A 317 -15.81 -18.32 10.34
N MET B 23 9.87 -25.77 -21.85
CA MET B 23 8.61 -25.43 -21.10
C MET B 23 8.77 -24.64 -19.79
N SER B 24 7.78 -23.79 -19.47
CA SER B 24 7.92 -22.79 -18.38
C SER B 24 6.83 -22.77 -17.29
N ILE B 25 7.11 -22.03 -16.21
CA ILE B 25 6.18 -21.90 -15.07
C ILE B 25 5.76 -20.46 -14.72
N ILE B 26 4.47 -20.25 -14.51
CA ILE B 26 3.98 -18.95 -14.06
C ILE B 26 3.18 -19.14 -12.79
N TYR B 27 3.47 -18.34 -11.77
CA TYR B 27 2.66 -18.36 -10.55
C TYR B 27 1.74 -17.16 -10.52
N PHE B 28 0.54 -17.38 -10.00
CA PHE B 28 -0.43 -16.30 -9.92
C PHE B 28 -0.87 -16.21 -8.48
N ILE B 29 -0.93 -14.99 -7.98
CA ILE B 29 -1.41 -14.71 -6.63
C ILE B 29 -2.48 -13.64 -6.75
N THR B 30 -3.66 -13.96 -6.24
CA THR B 30 -4.80 -13.08 -6.38
C THR B 30 -5.66 -13.30 -5.16
N THR B 31 -6.49 -12.31 -4.82
CA THR B 31 -7.47 -12.47 -3.75
C THR B 31 -8.74 -13.12 -4.25
N GLN B 32 -8.93 -13.11 -5.57
CA GLN B 32 -10.13 -13.67 -6.19
C GLN B 32 -10.20 -15.17 -5.93
N ASP B 33 -11.39 -15.71 -5.64
CA ASP B 33 -11.55 -17.17 -5.53
C ASP B 33 -10.75 -17.87 -6.65
N ILE B 34 -9.90 -18.82 -6.28
CA ILE B 34 -8.94 -19.41 -7.22
C ILE B 34 -9.57 -20.20 -8.38
N ASP B 35 -10.60 -20.98 -8.09
CA ASP B 35 -11.28 -21.75 -9.13
C ASP B 35 -11.84 -20.80 -10.17
N THR B 36 -12.60 -19.83 -9.68
CA THR B 36 -13.21 -18.74 -10.46
C THR B 36 -12.15 -18.07 -11.31
N PHE B 37 -11.01 -17.78 -10.70
CA PHE B 37 -9.93 -17.09 -11.40
C PHE B 37 -9.29 -17.96 -12.46
N GLN B 38 -9.08 -19.24 -12.15
CA GLN B 38 -8.47 -20.12 -13.13
C GLN B 38 -9.33 -20.17 -14.39
N LYS B 39 -10.65 -20.23 -14.22
CA LYS B 39 -11.56 -20.34 -15.34
C LYS B 39 -11.41 -19.15 -16.26
N LYS B 40 -11.46 -17.98 -15.66
CA LYS B 40 -11.39 -16.73 -16.41
C LYS B 40 -10.05 -16.52 -17.08
N LEU B 41 -8.98 -16.96 -16.43
CA LEU B 41 -7.68 -16.76 -16.99
C LEU B 41 -7.58 -17.60 -18.26
N GLN B 42 -8.19 -18.78 -18.20
CA GLN B 42 -8.21 -19.70 -19.34
C GLN B 42 -8.98 -19.11 -20.51
N GLU B 43 -10.25 -18.80 -20.26
CA GLU B 43 -11.13 -18.23 -21.27
C GLU B 43 -10.61 -16.93 -21.87
N THR B 44 -9.71 -16.27 -21.16
CA THR B 44 -9.16 -15.01 -21.63
C THR B 44 -7.88 -15.16 -22.44
N LEU B 45 -6.97 -16.00 -21.97
CA LEU B 45 -5.69 -16.17 -22.63
C LEU B 45 -5.72 -17.28 -23.70
N PHE B 46 -6.75 -18.12 -23.68
CA PHE B 46 -6.70 -19.31 -24.53
C PHE B 46 -7.97 -19.66 -25.34
N ASN B 47 -9.14 -19.48 -24.74
CA ASN B 47 -10.41 -19.71 -25.45
C ASN B 47 -10.94 -18.45 -26.12
N PRO B 54 -1.05 -27.49 -24.48
CA PRO B 54 -0.82 -28.48 -23.41
C PRO B 54 -0.32 -27.84 -22.11
N LEU B 55 -1.23 -27.52 -21.18
CA LEU B 55 -0.87 -26.74 -19.99
C LEU B 55 -1.54 -27.14 -18.67
N LEU B 56 -0.73 -27.39 -17.64
CA LEU B 56 -1.30 -27.80 -16.37
C LEU B 56 -1.51 -26.64 -15.38
N PHE B 57 -2.63 -26.72 -14.66
CA PHE B 57 -2.92 -25.82 -13.55
C PHE B 57 -2.93 -26.61 -12.27
N ASP B 58 -2.26 -26.08 -11.26
CA ASP B 58 -2.32 -26.68 -9.94
C ASP B 58 -2.65 -25.57 -8.96
N LYS B 59 -3.53 -25.86 -8.01
CA LYS B 59 -3.87 -24.88 -6.98
C LYS B 59 -3.20 -25.30 -5.70
N ARG B 60 -2.28 -24.47 -5.22
CA ARG B 60 -1.44 -24.89 -4.12
C ARG B 60 -1.39 -23.87 -3.00
N TYR B 61 -0.80 -24.27 -1.87
CA TYR B 61 -0.72 -23.42 -0.71
C TYR B 61 0.69 -23.46 -0.12
N ALA B 62 1.30 -22.29 0.03
CA ALA B 62 2.63 -22.24 0.64
C ALA B 62 2.42 -21.75 2.06
N ALA B 63 2.39 -22.68 3.00
CA ALA B 63 2.04 -22.36 4.37
C ALA B 63 3.03 -21.37 4.94
N LEU B 64 4.28 -21.43 4.46
CA LEU B 64 5.38 -20.65 4.99
C LEU B 64 5.12 -19.14 4.87
N ILE B 65 4.40 -18.74 3.83
CA ILE B 65 4.01 -17.33 3.66
C ILE B 65 2.49 -17.20 3.60
N ASN B 66 1.81 -18.20 4.13
CA ASN B 66 0.36 -18.22 4.15
C ASN B 66 -0.32 -17.71 2.89
N THR B 67 0.07 -18.24 1.74
CA THR B 67 -0.38 -17.75 0.46
C THR B 67 -0.82 -18.92 -0.41
N ALA B 68 -2.06 -18.88 -0.87
CA ALA B 68 -2.57 -19.86 -1.81
C ALA B 68 -2.39 -19.32 -3.23
N TYR B 69 -1.70 -20.07 -4.07
CA TYR B 69 -1.38 -19.60 -5.40
C TYR B 69 -1.82 -20.56 -6.49
N LEU B 70 -1.91 -20.03 -7.70
CA LEU B 70 -2.19 -20.82 -8.88
C LEU B 70 -0.92 -21.06 -9.69
N LYS B 71 -0.51 -22.33 -9.79
CA LYS B 71 0.67 -22.72 -10.58
C LYS B 71 0.30 -23.23 -11.97
N LEU B 72 1.01 -22.70 -12.96
CA LEU B 72 0.71 -22.96 -14.35
C LEU B 72 1.98 -23.36 -15.05
N THR B 73 1.97 -24.55 -15.66
CA THR B 73 3.12 -24.93 -16.46
C THR B 73 2.72 -24.92 -17.93
N LEU B 74 3.63 -24.45 -18.78
CA LEU B 74 3.34 -24.34 -20.19
C LEU B 74 4.60 -24.26 -21.05
N PRO B 75 4.41 -24.25 -22.37
CA PRO B 75 5.46 -24.13 -23.36
C PRO B 75 6.19 -22.79 -23.28
N ALA B 76 7.52 -22.84 -23.26
CA ALA B 76 8.33 -21.63 -23.12
C ALA B 76 8.13 -20.65 -24.27
N GLU B 77 7.76 -21.17 -25.43
CA GLU B 77 7.65 -20.35 -26.63
C GLU B 77 6.33 -19.59 -26.62
N CYS B 78 5.44 -19.96 -25.69
CA CYS B 78 4.25 -19.17 -25.42
C CYS B 78 4.62 -17.82 -24.83
N LEU B 79 5.72 -17.81 -24.07
CA LEU B 79 6.17 -16.62 -23.35
C LEU B 79 6.90 -15.65 -24.26
N THR B 80 6.14 -14.87 -25.00
CA THR B 80 6.72 -13.95 -25.96
C THR B 80 6.45 -12.53 -25.48
N PRO B 81 7.29 -11.58 -25.90
CA PRO B 81 7.14 -10.20 -25.44
C PRO B 81 5.70 -9.71 -25.43
N GLU B 82 4.91 -10.07 -26.45
CA GLU B 82 3.54 -9.55 -26.59
C GLU B 82 2.62 -10.23 -25.60
N PHE B 83 2.97 -11.47 -25.26
CA PHE B 83 2.23 -12.25 -24.29
C PHE B 83 2.40 -11.64 -22.88
N TYR B 84 3.64 -11.55 -22.42
CA TYR B 84 3.91 -10.90 -21.14
C TYR B 84 3.19 -9.56 -21.08
N ARG B 85 3.30 -8.78 -22.16
CA ARG B 85 2.76 -7.42 -22.14
C ARG B 85 1.25 -7.47 -21.93
N TYR B 86 0.62 -8.49 -22.50
CA TYR B 86 -0.79 -8.65 -22.34
C TYR B 86 -1.11 -9.19 -20.94
N LEU B 87 -0.31 -10.12 -20.46
CA LEU B 87 -0.46 -10.65 -19.10
C LEU B 87 -0.31 -9.54 -18.03
N ARG B 88 0.76 -8.74 -18.12
CA ARG B 88 0.95 -7.59 -17.23
C ARG B 88 -0.30 -6.74 -17.26
N GLU B 89 -0.82 -6.55 -18.48
CA GLU B 89 -2.05 -5.81 -18.69
C GLU B 89 -3.21 -6.33 -17.84
N LEU B 90 -3.42 -7.64 -17.91
CA LEU B 90 -4.49 -8.27 -17.18
C LEU B 90 -4.30 -8.13 -15.67
N SER B 91 -3.05 -8.32 -15.24
CA SER B 91 -2.71 -8.29 -13.84
C SER B 91 -3.09 -6.93 -13.28
N LEU B 92 -2.85 -5.88 -14.05
CA LEU B 92 -3.27 -4.55 -13.62
C LEU B 92 -4.77 -4.31 -13.66
N GLN B 93 -5.49 -5.00 -14.53
CA GLN B 93 -6.94 -4.77 -14.62
C GLN B 93 -7.70 -5.69 -13.73
N TRP B 94 -7.18 -6.90 -13.54
CA TRP B 94 -7.86 -7.80 -12.61
C TRP B 94 -7.27 -7.72 -11.22
N GLN B 95 -6.17 -6.98 -11.10
CA GLN B 95 -5.47 -6.84 -9.81
C GLN B 95 -4.98 -8.16 -9.27
N PHE B 96 -3.99 -8.71 -9.94
CA PHE B 96 -3.28 -9.86 -9.38
C PHE B 96 -1.80 -9.69 -9.61
N ASP B 97 -1.02 -10.49 -8.91
CA ASP B 97 0.39 -10.52 -9.14
C ASP B 97 0.72 -11.87 -9.78
N PHE B 98 1.85 -11.94 -10.48
CA PHE B 98 2.36 -13.22 -10.95
C PHE B 98 3.85 -13.14 -11.06
N PHE B 99 4.48 -14.30 -11.10
CA PHE B 99 5.90 -14.41 -11.29
C PHE B 99 6.16 -15.51 -12.29
N ILE B 100 7.12 -15.28 -13.17
CA ILE B 100 7.48 -16.27 -14.17
C ILE B 100 8.72 -16.85 -13.56
N LYS B 101 8.70 -18.14 -13.26
CA LYS B 101 9.87 -18.73 -12.63
C LYS B 101 11.07 -18.57 -13.51
N PRO B 102 12.17 -18.17 -12.89
CA PRO B 102 13.43 -17.93 -13.61
C PRO B 102 14.28 -19.18 -13.65
N GLN B 103 14.75 -19.52 -14.84
CA GLN B 103 15.60 -20.69 -14.98
C GLN B 103 16.93 -20.22 -15.54
N PRO B 104 18.00 -20.52 -14.83
CA PRO B 104 17.91 -21.23 -13.55
C PRO B 104 17.41 -20.31 -12.44
N LEU B 105 16.81 -20.90 -11.41
CA LEU B 105 16.31 -20.15 -10.27
C LEU B 105 17.47 -19.61 -9.46
N PRO B 106 17.34 -18.41 -8.89
CA PRO B 106 18.43 -17.85 -8.08
C PRO B 106 18.80 -18.72 -6.87
N ALA B 107 20.09 -18.97 -6.67
CA ALA B 107 20.50 -19.77 -5.52
C ALA B 107 21.76 -19.25 -4.85
N ASN B 108 21.79 -19.45 -3.53
CA ASN B 108 22.88 -18.99 -2.67
C ASN B 108 23.46 -17.66 -3.10
N GLY B 109 22.57 -16.69 -3.32
CA GLY B 109 22.96 -15.41 -3.89
C GLY B 109 22.88 -14.23 -2.93
N ILE B 110 22.57 -13.09 -3.51
CA ILE B 110 22.40 -11.87 -2.78
C ILE B 110 21.00 -11.40 -3.09
N ILE B 111 20.32 -10.89 -2.07
CA ILE B 111 19.10 -10.10 -2.30
C ILE B 111 19.36 -8.70 -1.75
N ALA B 112 19.28 -7.73 -2.64
CA ALA B 112 19.57 -6.33 -2.35
C ALA B 112 18.27 -5.52 -2.36
N PHE B 113 18.11 -4.64 -1.38
CA PHE B 113 16.92 -3.76 -1.30
C PHE B 113 17.35 -2.31 -1.28
N ASP B 114 16.65 -1.48 -2.03
CA ASP B 114 16.74 -0.03 -1.85
C ASP B 114 16.10 0.20 -0.48
N MET B 115 16.46 1.29 0.18
CA MET B 115 15.85 1.61 1.48
C MET B 115 14.48 2.31 1.37
N ASP B 116 14.46 3.59 0.96
CA ASP B 116 13.21 4.37 0.96
C ASP B 116 12.11 3.75 0.11
N SER B 117 10.92 3.60 0.68
CA SER B 117 9.79 3.10 -0.05
C SER B 117 10.06 1.72 -0.63
N THR B 118 11.16 1.08 -0.21
CA THR B 118 11.38 -0.33 -0.58
C THR B 118 11.54 -1.20 0.66
N PHE B 119 12.71 -1.22 1.26
CA PHE B 119 12.86 -1.92 2.51
C PHE B 119 11.95 -1.31 3.57
N ILE B 120 11.93 0.01 3.64
CA ILE B 120 10.95 0.68 4.49
C ILE B 120 9.83 1.33 3.70
N ALA B 121 8.69 1.54 4.36
CA ALA B 121 7.50 2.10 3.75
C ALA B 121 7.70 3.59 3.46
N GLU B 122 8.31 4.27 4.41
CA GLU B 122 8.47 5.71 4.35
C GLU B 122 9.68 6.20 3.51
N GLU B 123 9.76 7.50 3.34
CA GLU B 123 10.89 8.20 2.75
C GLU B 123 11.64 8.90 3.90
N GLY B 124 12.90 8.52 4.14
CA GLY B 124 13.63 8.97 5.32
C GLY B 124 13.74 10.49 5.45
N VAL B 125 14.30 11.11 4.41
CA VAL B 125 14.47 12.55 4.39
C VAL B 125 13.13 13.29 4.60
N ASP B 126 12.06 12.79 3.98
CA ASP B 126 10.74 13.39 4.15
C ASP B 126 10.29 13.28 5.60
N GLU B 127 10.68 12.20 6.26
CA GLU B 127 10.17 11.99 7.61
C GLU B 127 10.89 12.91 8.57
N ILE B 128 12.12 13.28 8.20
CA ILE B 128 12.88 14.24 8.99
C ILE B 128 12.31 15.63 8.79
N ALA B 129 12.04 16.00 7.53
CA ALA B 129 11.45 17.30 7.23
C ALA B 129 10.16 17.48 8.00
N ARG B 130 9.23 16.56 7.77
CA ARG B 130 7.91 16.61 8.38
C ARG B 130 8.02 16.79 9.90
N GLU B 131 9.00 16.12 10.49
CA GLU B 131 9.29 16.25 11.91
C GLU B 131 9.87 17.62 12.27
N LEU B 132 10.34 18.36 11.27
CA LEU B 132 10.94 19.66 11.54
C LEU B 132 10.05 20.80 11.08
N GLY B 133 8.90 20.47 10.51
CA GLY B 133 8.04 21.49 9.92
C GLY B 133 8.58 21.97 8.58
N MET B 134 9.49 21.21 7.99
CA MET B 134 10.15 21.67 6.76
C MET B 134 9.71 20.94 5.48
N SER B 135 8.51 20.37 5.51
CA SER B 135 8.08 19.47 4.45
C SER B 135 8.03 20.23 3.16
N THR B 136 7.54 21.47 3.25
CA THR B 136 7.41 22.35 2.09
C THR B 136 8.71 22.70 1.36
N GLN B 137 9.72 23.08 2.09
CA GLN B 137 11.01 23.36 1.52
C GLN B 137 11.59 22.08 0.89
N ILE B 138 11.38 20.95 1.55
CA ILE B 138 11.92 19.65 1.15
C ILE B 138 11.14 19.09 -0.07
N THR B 139 9.81 19.05 0.02
CA THR B 139 8.99 18.61 -1.12
C THR B 139 9.33 19.49 -2.32
N ALA B 140 9.41 20.79 -2.07
CA ALA B 140 9.82 21.76 -3.08
C ALA B 140 10.98 21.25 -3.95
N ILE B 141 12.00 20.72 -3.28
CA ILE B 141 13.22 20.28 -3.95
C ILE B 141 13.01 18.96 -4.72
N THR B 142 12.28 18.03 -4.11
CA THR B 142 11.89 16.78 -4.77
C THR B 142 11.12 17.10 -6.05
N GLN B 143 10.04 17.86 -5.90
CA GLN B 143 9.23 18.31 -7.04
C GLN B 143 10.09 18.87 -8.20
N GLN B 144 11.06 19.73 -7.90
CA GLN B 144 11.97 20.23 -8.94
C GLN B 144 12.69 19.10 -9.65
N ALA B 145 13.23 18.16 -8.89
CA ALA B 145 13.96 17.06 -9.48
C ALA B 145 13.03 16.27 -10.40
N MET B 146 11.78 16.17 -9.98
CA MET B 146 10.80 15.42 -10.73
C MET B 146 10.66 16.03 -12.10
N GLU B 147 10.67 17.35 -12.14
CA GLU B 147 10.43 18.09 -13.36
C GLU B 147 11.68 18.26 -14.21
N GLY B 148 12.79 17.71 -13.75
CA GLY B 148 14.01 17.75 -14.52
C GLY B 148 14.73 19.06 -14.34
N LYS B 149 14.17 19.89 -13.48
CA LYS B 149 14.75 21.17 -13.13
C LYS B 149 16.08 20.95 -12.43
N LEU B 150 16.15 19.93 -11.61
CA LEU B 150 17.31 19.67 -10.76
C LEU B 150 17.81 18.24 -10.89
N ASP B 151 19.13 18.08 -10.77
CA ASP B 151 19.79 16.75 -10.81
C ASP B 151 19.65 15.86 -9.53
N PHE B 152 19.81 14.55 -9.66
CA PHE B 152 19.77 13.64 -8.48
C PHE B 152 20.68 14.12 -7.37
N ASN B 153 21.97 14.24 -7.68
CA ASN B 153 23.00 14.66 -6.71
C ASN B 153 22.62 15.99 -6.06
N ALA B 154 22.11 16.91 -6.87
CA ALA B 154 21.80 18.25 -6.43
C ALA B 154 20.57 18.25 -5.53
N SER B 155 19.61 17.40 -5.88
CA SER B 155 18.44 17.17 -5.04
C SER B 155 18.87 16.70 -3.66
N PHE B 156 19.82 15.75 -3.65
CA PHE B 156 20.33 15.19 -2.40
C PHE B 156 21.16 16.22 -1.61
N THR B 157 22.12 16.87 -2.26
CA THR B 157 22.92 17.87 -1.57
C THR B 157 22.03 19.04 -1.07
N ARG B 158 21.06 19.43 -1.87
CA ARG B 158 20.17 20.55 -1.48
C ARG B 158 19.35 20.20 -0.24
N ARG B 159 18.86 18.97 -0.19
CA ARG B 159 18.03 18.56 0.94
C ARG B 159 18.81 18.33 2.22
N ILE B 160 20.03 17.79 2.08
CA ILE B 160 20.92 17.74 3.24
C ILE B 160 21.21 19.17 3.70
N GLY B 161 21.57 20.04 2.74
CA GLY B 161 21.83 21.46 3.01
C GLY B 161 20.75 22.02 3.92
N MET B 162 19.50 21.67 3.62
CA MET B 162 18.34 22.19 4.36
C MET B 162 18.26 21.60 5.77
N LEU B 163 18.79 20.39 5.95
CA LEU B 163 18.73 19.67 7.23
C LEU B 163 19.98 19.84 8.08
N LYS B 164 20.90 20.67 7.60
CA LYS B 164 22.12 20.92 8.37
C LYS B 164 21.75 21.41 9.75
N GLY B 165 22.40 20.88 10.78
CA GLY B 165 22.12 21.26 12.15
C GLY B 165 21.04 20.40 12.80
N THR B 166 20.43 19.49 12.03
CA THR B 166 19.46 18.59 12.65
C THR B 166 20.09 17.73 13.76
N PRO B 167 19.47 17.74 14.93
CA PRO B 167 20.00 16.96 16.07
C PRO B 167 19.88 15.45 15.88
N LYS B 168 20.91 14.72 16.28
CA LYS B 168 20.98 13.28 16.11
C LYS B 168 19.90 12.49 16.86
N ALA B 169 19.12 13.16 17.69
CA ALA B 169 18.11 12.48 18.48
C ALA B 169 16.87 12.46 17.63
N VAL B 170 16.57 13.60 17.02
CA VAL B 170 15.54 13.68 16.00
C VAL B 170 15.73 12.56 14.96
N LEU B 171 16.90 12.51 14.34
CA LEU B 171 17.20 11.45 13.39
C LEU B 171 16.89 10.09 14.01
N ASN B 172 17.41 9.85 15.20
CA ASN B 172 17.17 8.57 15.87
C ASN B 172 15.68 8.33 16.08
N ALA B 173 14.93 9.38 16.42
CA ALA B 173 13.49 9.26 16.61
C ALA B 173 12.78 8.88 15.31
N VAL B 174 13.19 9.50 14.20
CA VAL B 174 12.59 9.20 12.92
C VAL B 174 12.93 7.77 12.51
N CYS B 175 14.21 7.40 12.61
CA CYS B 175 14.61 6.05 12.28
C CYS B 175 13.85 5.08 13.17
N ASP B 176 13.60 5.52 14.40
CA ASP B 176 12.88 4.71 15.37
C ASP B 176 11.47 4.35 14.90
N ARG B 177 10.77 5.29 14.29
N ARG B 177 10.74 5.31 14.36
CA ARG B 177 9.41 5.02 13.82
CA ARG B 177 9.36 5.06 13.99
C ARG B 177 9.32 4.40 12.43
C ARG B 177 9.24 4.26 12.69
N MET B 178 10.46 4.26 11.75
N MET B 178 9.96 4.69 11.66
CA MET B 178 10.50 3.68 10.43
CA MET B 178 10.07 3.94 10.42
C MET B 178 9.91 2.28 10.48
C MET B 178 9.65 2.47 10.56
N THR B 179 9.11 1.92 9.47
CA THR B 179 8.58 0.55 9.42
C THR B 179 8.93 -0.24 8.13
N LEU B 180 9.13 -1.55 8.29
CA LEU B 180 9.33 -2.46 7.17
C LEU B 180 8.12 -2.47 6.21
N SER B 181 8.39 -2.44 4.91
CA SER B 181 7.33 -2.72 3.96
C SER B 181 6.76 -4.11 4.26
N PRO B 182 5.49 -4.31 3.94
CA PRO B 182 4.82 -5.56 4.32
C PRO B 182 5.41 -6.82 3.69
N GLY B 183 5.40 -7.88 4.48
CA GLY B 183 5.86 -9.20 4.03
C GLY B 183 7.31 -9.53 4.38
N LEU B 184 8.06 -8.51 4.79
CA LEU B 184 9.51 -8.64 4.96
C LEU B 184 9.86 -9.33 6.27
N LEU B 185 9.07 -9.10 7.31
CA LEU B 185 9.34 -9.77 8.57
C LEU B 185 9.15 -11.26 8.34
N THR B 186 8.17 -11.61 7.51
CA THR B 186 7.86 -13.00 7.28
C THR B 186 8.99 -13.57 6.48
N ILE B 187 9.41 -12.86 5.43
CA ILE B 187 10.31 -13.46 4.44
C ILE B 187 11.82 -13.35 4.74
N LEU B 188 12.26 -12.38 5.55
CA LEU B 188 13.72 -12.27 5.82
C LEU B 188 14.45 -13.55 6.30
N PRO B 189 13.88 -14.24 7.30
CA PRO B 189 14.39 -15.52 7.84
C PRO B 189 14.45 -16.57 6.76
N VAL B 190 13.48 -16.55 5.84
CA VAL B 190 13.52 -17.49 4.75
C VAL B 190 14.72 -17.23 3.85
N ILE B 191 14.97 -15.98 3.51
CA ILE B 191 16.10 -15.61 2.68
C ILE B 191 17.39 -16.21 3.27
N LYS B 192 17.59 -16.00 4.57
CA LYS B 192 18.72 -16.58 5.26
C LYS B 192 18.71 -18.12 5.12
N ALA B 193 17.60 -18.75 5.50
CA ALA B 193 17.48 -20.21 5.37
C ALA B 193 17.84 -20.71 3.98
N LYS B 194 17.40 -20.01 2.94
CA LYS B 194 17.75 -20.44 1.58
C LYS B 194 19.18 -20.10 1.23
N GLY B 195 19.94 -19.60 2.20
CA GLY B 195 21.35 -19.29 1.97
C GLY B 195 21.69 -18.05 1.15
N PHE B 196 20.80 -17.06 1.15
CA PHE B 196 21.14 -15.80 0.51
C PHE B 196 21.68 -14.83 1.55
N LYS B 197 22.50 -13.91 1.07
CA LYS B 197 22.97 -12.79 1.87
C LYS B 197 22.08 -11.62 1.53
N THR B 198 21.81 -10.76 2.49
CA THR B 198 20.94 -9.60 2.27
C THR B 198 21.74 -8.32 2.27
N ALA B 199 21.32 -7.35 1.46
CA ALA B 199 22.00 -6.05 1.44
C ALA B 199 21.00 -4.91 1.29
N ILE B 200 21.28 -3.78 1.95
CA ILE B 200 20.59 -2.53 1.64
C ILE B 200 21.53 -1.78 0.73
N ILE B 201 21.01 -1.29 -0.39
CA ILE B 201 21.79 -0.40 -1.23
C ILE B 201 20.96 0.81 -1.61
N SER B 202 21.40 1.97 -1.16
CA SER B 202 20.51 3.13 -1.10
C SER B 202 21.24 4.46 -1.25
N GLY B 203 20.53 5.46 -1.76
CA GLY B 203 21.05 6.83 -1.80
C GLY B 203 20.69 7.58 -0.53
N GLY B 204 20.15 6.89 0.46
CA GLY B 204 19.75 7.56 1.71
C GLY B 204 20.86 7.79 2.72
N LEU B 205 20.49 8.28 3.90
CA LEU B 205 21.46 8.61 4.93
C LEU B 205 22.03 7.34 5.58
N ASP B 206 23.33 7.32 5.83
CA ASP B 206 23.95 6.15 6.49
C ASP B 206 23.35 5.93 7.89
N ILE B 207 22.97 7.01 8.54
CA ILE B 207 22.43 6.88 9.89
C ILE B 207 21.26 5.88 9.83
N PHE B 208 20.37 6.03 8.86
CA PHE B 208 19.25 5.09 8.75
C PHE B 208 19.67 3.76 8.23
N THR B 209 20.49 3.78 7.18
CA THR B 209 20.87 2.53 6.54
C THR B 209 21.49 1.59 7.59
N GLN B 210 22.45 2.10 8.35
CA GLN B 210 23.17 1.27 9.32
C GLN B 210 22.34 0.86 10.52
N ARG B 211 21.37 1.67 10.95
CA ARG B 211 20.46 1.18 12.01
C ARG B 211 19.53 0.06 11.51
N LEU B 212 19.02 0.19 10.29
CA LEU B 212 18.21 -0.90 9.74
C LEU B 212 19.06 -2.16 9.64
N LYS B 213 20.26 -2.04 9.12
CA LYS B 213 21.13 -3.20 9.04
C LYS B 213 21.30 -3.87 10.41
N ALA B 214 21.63 -3.08 11.42
CA ALA B 214 21.85 -3.63 12.75
C ALA B 214 20.55 -4.22 13.28
N ARG B 215 19.47 -3.45 13.18
CA ARG B 215 18.19 -3.91 13.73
C ARG B 215 17.67 -5.22 13.13
N TYR B 216 17.81 -5.39 11.82
CA TYR B 216 17.27 -6.58 11.18
C TYR B 216 18.38 -7.58 10.83
N GLN B 217 19.58 -7.32 11.37
CA GLN B 217 20.71 -8.21 11.14
C GLN B 217 20.93 -8.54 9.66
N LEU B 218 20.95 -7.52 8.83
CA LEU B 218 21.29 -7.73 7.42
C LEU B 218 22.78 -7.94 7.29
N ASP B 219 23.21 -8.53 6.19
CA ASP B 219 24.63 -8.85 6.02
C ASP B 219 25.43 -7.65 5.53
N TYR B 220 24.81 -6.81 4.70
CA TYR B 220 25.50 -5.65 4.14
C TYR B 220 24.56 -4.44 4.03
N ALA B 221 25.13 -3.24 4.03
CA ALA B 221 24.31 -2.04 3.96
C ALA B 221 25.20 -0.93 3.46
N PHE B 222 24.78 -0.28 2.37
CA PHE B 222 25.59 0.77 1.75
C PHE B 222 24.68 1.94 1.43
N SER B 223 25.16 3.16 1.62
CA SER B 223 24.38 4.33 1.22
C SER B 223 25.34 5.50 1.20
N ASN B 224 24.78 6.71 1.08
CA ASN B 224 25.53 7.94 1.23
C ASN B 224 25.91 8.14 2.67
N THR B 225 26.97 8.90 2.88
CA THR B 225 27.45 9.12 4.22
C THR B 225 27.50 10.61 4.46
N VAL B 226 26.92 11.03 5.57
CA VAL B 226 26.86 12.43 5.90
C VAL B 226 27.27 12.52 7.36
N GLU B 227 28.42 13.13 7.59
CA GLU B 227 28.97 13.18 8.93
C GLU B 227 28.01 13.85 9.92
N ILE B 228 27.82 13.22 11.07
CA ILE B 228 27.16 13.87 12.19
C ILE B 228 28.24 14.24 13.18
N ARG B 229 28.25 15.49 13.61
CA ARG B 229 29.31 15.99 14.49
C ARG B 229 28.76 16.86 15.62
N ASP B 230 29.30 16.69 16.82
CA ASP B 230 28.72 17.36 17.99
C ASP B 230 27.22 17.09 18.02
N ASN B 231 26.85 15.87 17.66
CA ASN B 231 25.45 15.45 17.72
C ASN B 231 24.48 16.24 16.84
N VAL B 232 24.98 16.92 15.81
CA VAL B 232 24.05 17.45 14.82
C VAL B 232 24.52 17.09 13.42
N LEU B 233 23.57 17.01 12.49
CA LEU B 233 23.85 16.67 11.12
C LEU B 233 24.68 17.76 10.47
N THR B 234 25.78 17.37 9.83
CA THR B 234 26.60 18.35 9.13
C THR B 234 26.21 18.29 7.68
N ASP B 235 26.97 18.94 6.81
CA ASP B 235 26.76 18.75 5.38
C ASP B 235 28.02 18.19 4.76
N ASN B 236 28.85 17.52 5.57
CA ASN B 236 30.01 16.81 5.04
C ASN B 236 29.56 15.48 4.43
N ILE B 237 29.26 15.53 3.15
CA ILE B 237 28.79 14.36 2.43
C ILE B 237 30.02 13.67 1.89
N THR B 238 30.04 12.36 2.00
CA THR B 238 31.16 11.58 1.46
C THR B 238 31.05 11.54 -0.05
N LEU B 239 32.15 11.83 -0.74
CA LEU B 239 32.17 11.79 -2.23
C LEU B 239 33.05 10.64 -2.67
N PRO B 240 32.73 10.04 -3.85
CA PRO B 240 31.58 10.44 -4.66
C PRO B 240 30.25 10.05 -4.04
N ILE B 241 29.21 10.81 -4.38
CA ILE B 241 27.85 10.54 -3.91
C ILE B 241 27.28 9.24 -4.47
N MET B 242 26.48 8.55 -3.65
CA MET B 242 25.89 7.28 -4.05
C MET B 242 24.71 7.54 -4.98
N ASN B 243 24.96 7.55 -6.28
CA ASN B 243 23.88 7.81 -7.20
C ASN B 243 23.40 6.54 -7.86
N ALA B 244 22.60 6.66 -8.92
CA ALA B 244 22.01 5.51 -9.60
C ALA B 244 23.08 4.53 -10.09
N ALA B 245 24.06 5.09 -10.80
CA ALA B 245 25.18 4.32 -11.34
C ALA B 245 25.95 3.66 -10.21
N ASN B 246 26.17 4.42 -9.14
CA ASN B 246 26.91 3.88 -8.01
C ASN B 246 26.22 2.76 -7.20
N LYS B 247 24.90 2.78 -7.19
CA LYS B 247 24.18 1.69 -6.56
C LYS B 247 24.45 0.42 -7.35
N LYS B 248 24.37 0.52 -8.68
CA LYS B 248 24.71 -0.61 -9.51
C LYS B 248 26.10 -1.13 -9.17
N GLN B 249 27.09 -0.25 -9.34
CA GLN B 249 28.49 -0.55 -9.05
C GLN B 249 28.69 -1.23 -7.72
N THR B 250 27.99 -0.73 -6.70
CA THR B 250 28.14 -1.27 -5.36
C THR B 250 27.73 -2.73 -5.43
N LEU B 251 26.55 -2.98 -5.97
CA LEU B 251 26.09 -4.35 -6.19
C LEU B 251 27.11 -5.21 -6.94
N VAL B 252 27.60 -4.69 -8.06
CA VAL B 252 28.61 -5.39 -8.84
C VAL B 252 29.80 -5.70 -7.92
N ASP B 253 30.28 -4.69 -7.22
CA ASP B 253 31.42 -4.91 -6.32
C ASP B 253 31.16 -5.97 -5.26
N LEU B 254 29.97 -5.94 -4.64
CA LEU B 254 29.67 -6.84 -3.54
C LEU B 254 29.64 -8.29 -3.99
N ALA B 255 29.03 -8.50 -5.15
CA ALA B 255 28.94 -9.80 -5.80
C ALA B 255 30.34 -10.32 -6.13
N ALA B 256 31.15 -9.49 -6.76
CA ALA B 256 32.53 -9.87 -7.01
C ALA B 256 33.15 -10.37 -5.68
N ARG B 257 33.15 -9.53 -4.65
CA ARG B 257 33.73 -9.90 -3.35
C ARG B 257 33.24 -11.26 -2.86
N LEU B 258 31.95 -11.55 -3.05
CA LEU B 258 31.37 -12.80 -2.57
C LEU B 258 31.44 -13.89 -3.62
N ASN B 259 31.94 -13.56 -4.82
CA ASN B 259 32.02 -14.55 -5.90
C ASN B 259 30.66 -15.08 -6.27
N ILE B 260 29.70 -14.18 -6.44
CA ILE B 260 28.35 -14.59 -6.77
C ILE B 260 27.99 -14.17 -8.18
N ALA B 261 27.57 -15.16 -8.97
CA ALA B 261 27.25 -14.94 -10.37
C ALA B 261 25.98 -14.11 -10.50
N THR B 262 25.99 -13.27 -11.52
CA THR B 262 24.86 -12.40 -11.82
C THR B 262 23.51 -13.07 -11.72
N GLU B 263 23.39 -14.32 -12.14
CA GLU B 263 22.06 -14.93 -12.19
C GLU B 263 21.52 -15.26 -10.80
N ASN B 264 22.39 -15.16 -9.80
CA ASN B 264 21.97 -15.38 -8.41
C ASN B 264 21.83 -14.08 -7.58
N ILE B 265 21.75 -12.96 -8.28
CA ILE B 265 21.54 -11.66 -7.64
C ILE B 265 20.11 -11.23 -7.84
N ILE B 266 19.39 -11.05 -6.74
CA ILE B 266 18.08 -10.46 -6.80
C ILE B 266 18.16 -9.06 -6.23
N ALA B 267 17.51 -8.12 -6.90
CA ALA B 267 17.50 -6.74 -6.45
C ALA B 267 16.08 -6.18 -6.53
N CYS B 268 15.68 -5.45 -5.50
CA CYS B 268 14.33 -4.89 -5.39
C CYS B 268 14.33 -3.38 -5.24
N GLY B 269 13.53 -2.70 -6.06
CA GLY B 269 13.51 -1.25 -6.01
C GLY B 269 12.20 -0.69 -6.48
N ASP B 270 11.98 0.58 -6.16
CA ASP B 270 10.73 1.25 -6.50
C ASP B 270 10.89 2.35 -7.55
N GLY B 271 12.04 3.01 -7.57
CA GLY B 271 12.17 4.21 -8.40
C GLY B 271 13.24 4.19 -9.47
N ALA B 272 13.29 5.30 -10.21
CA ALA B 272 14.11 5.43 -11.40
C ALA B 272 15.59 5.32 -11.05
N ASN B 273 15.97 5.84 -9.89
CA ASN B 273 17.34 5.70 -9.44
C ASN B 273 17.70 4.26 -9.04
N ASP B 274 16.71 3.37 -9.11
CA ASP B 274 16.99 1.94 -8.89
C ASP B 274 17.25 1.19 -10.19
N LEU B 275 16.93 1.81 -11.32
CA LEU B 275 16.88 1.10 -12.62
C LEU B 275 18.18 0.40 -13.02
N PRO B 276 19.31 1.13 -12.92
CA PRO B 276 20.58 0.50 -13.23
C PRO B 276 20.83 -0.75 -12.38
N MET B 277 20.67 -0.64 -11.08
CA MET B 277 20.81 -1.78 -10.20
C MET B 277 19.81 -2.93 -10.54
N LEU B 278 18.55 -2.58 -10.82
CA LEU B 278 17.55 -3.63 -11.08
C LEU B 278 17.78 -4.33 -12.43
N GLU B 279 18.30 -3.61 -13.41
CA GLU B 279 18.57 -4.20 -14.71
C GLU B 279 19.84 -5.03 -14.67
N HIS B 280 20.77 -4.69 -13.78
CA HIS B 280 21.96 -5.53 -13.64
C HIS B 280 21.69 -6.87 -12.97
N ALA B 281 20.87 -6.88 -11.92
CA ALA B 281 20.58 -8.13 -11.23
C ALA B 281 20.01 -9.16 -12.19
N GLY B 282 20.34 -10.42 -11.93
CA GLY B 282 19.78 -11.50 -12.72
C GLY B 282 18.28 -11.39 -12.64
N THR B 283 17.79 -11.21 -11.42
CA THR B 283 16.36 -11.10 -11.18
C THR B 283 16.02 -9.76 -10.48
N GLY B 284 15.57 -8.79 -11.26
CA GLY B 284 15.28 -7.44 -10.76
C GLY B 284 13.79 -7.31 -10.50
N ILE B 285 13.42 -6.87 -9.29
CA ILE B 285 11.99 -6.75 -8.94
C ILE B 285 11.51 -5.33 -8.69
N ALA B 286 10.50 -4.93 -9.44
CA ALA B 286 9.84 -3.63 -9.29
C ALA B 286 8.84 -3.68 -8.15
N TRP B 287 9.15 -3.00 -7.05
CA TRP B 287 8.29 -3.05 -5.86
C TRP B 287 7.31 -1.89 -5.94
N LYS B 288 6.02 -2.18 -6.16
CA LYS B 288 4.96 -1.18 -6.26
C LYS B 288 5.50 0.09 -6.90
N ALA B 289 5.96 -0.01 -8.15
CA ALA B 289 6.95 0.94 -8.64
C ALA B 289 6.43 2.03 -9.55
N LYS B 290 7.30 3.03 -9.77
CA LYS B 290 7.02 4.11 -10.70
C LYS B 290 6.76 3.57 -12.12
N PRO B 291 5.89 4.25 -12.89
CA PRO B 291 5.58 3.86 -14.27
C PRO B 291 6.86 3.68 -15.11
N VAL B 292 7.82 4.56 -14.89
CA VAL B 292 9.06 4.50 -15.61
C VAL B 292 9.76 3.18 -15.35
N VAL B 293 9.57 2.66 -14.14
CA VAL B 293 10.24 1.44 -13.74
C VAL B 293 9.47 0.20 -14.16
N ARG B 294 8.15 0.25 -14.01
CA ARG B 294 7.29 -0.89 -14.36
C ARG B 294 7.42 -1.27 -15.84
N GLU B 295 7.70 -0.28 -16.68
CA GLU B 295 7.88 -0.54 -18.10
C GLU B 295 9.10 -1.43 -18.34
N LYS B 296 10.18 -1.18 -17.62
CA LYS B 296 11.44 -1.87 -17.90
C LYS B 296 11.68 -3.12 -17.07
N ILE B 297 11.10 -3.16 -15.88
CA ILE B 297 11.38 -4.27 -14.98
C ILE B 297 10.15 -5.15 -14.96
N HIS B 298 10.35 -6.41 -15.34
CA HIS B 298 9.24 -7.30 -15.69
C HIS B 298 8.87 -8.25 -14.57
N HIS B 299 9.75 -8.42 -13.60
CA HIS B 299 9.30 -8.97 -12.31
C HIS B 299 8.68 -7.85 -11.46
N GLN B 300 7.44 -8.05 -10.99
CA GLN B 300 6.76 -7.00 -10.18
C GLN B 300 5.93 -7.49 -9.01
N ILE B 301 5.87 -6.68 -7.95
CA ILE B 301 4.87 -6.87 -6.90
C ILE B 301 4.02 -5.63 -6.77
N ASN B 302 2.71 -5.80 -6.98
CA ASN B 302 1.83 -4.66 -7.10
C ASN B 302 0.72 -4.65 -6.09
N TYR B 303 0.35 -5.84 -5.61
CA TYR B 303 -0.85 -5.97 -4.79
C TYR B 303 -0.66 -6.83 -3.58
N HIS B 304 0.56 -7.30 -3.36
CA HIS B 304 0.82 -8.09 -2.18
C HIS B 304 2.11 -7.61 -1.53
N GLY B 305 2.78 -8.46 -0.78
CA GLY B 305 3.95 -8.01 -0.03
C GLY B 305 5.19 -8.76 -0.46
N PHE B 306 6.27 -8.56 0.27
CA PHE B 306 7.53 -9.17 -0.07
C PHE B 306 7.55 -10.65 0.25
N GLU B 307 6.46 -11.15 0.85
CA GLU B 307 6.36 -12.61 1.01
C GLU B 307 6.43 -13.30 -0.37
N LEU B 308 6.00 -12.59 -1.43
CA LEU B 308 6.07 -13.16 -2.79
C LEU B 308 7.51 -13.44 -3.25
N LEU B 309 8.52 -12.87 -2.59
CA LEU B 309 9.90 -13.29 -2.94
C LEU B 309 10.07 -14.83 -2.90
N LEU B 310 9.24 -15.53 -2.14
CA LEU B 310 9.35 -17.00 -2.00
C LEU B 310 9.40 -17.72 -3.35
N PHE B 311 8.50 -17.31 -4.25
CA PHE B 311 8.41 -17.83 -5.59
C PHE B 311 9.66 -17.68 -6.42
N LEU B 312 10.57 -16.82 -5.97
CA LEU B 312 11.81 -16.60 -6.72
C LEU B 312 13.02 -17.31 -6.10
N ILE B 313 12.84 -17.89 -4.92
CA ILE B 313 13.97 -18.49 -4.22
C ILE B 313 13.73 -19.96 -3.81
N GLU B 314 12.46 -20.36 -3.84
CA GLU B 314 12.12 -21.72 -3.48
C GLU B 314 11.68 -22.47 -4.71
N ASP B 315 12.51 -23.42 -5.11
CA ASP B 315 12.25 -24.26 -6.27
C ASP B 315 11.06 -25.18 -6.04
N GLU B 316 10.93 -25.64 -4.81
CA GLU B 316 9.89 -26.60 -4.48
C GLU B 316 8.45 -26.18 -4.18
N LEU B 317 7.77 -25.71 -5.21
CA LEU B 317 6.34 -25.44 -5.12
C LEU B 317 5.71 -25.31 -6.49
CL CL C . -10.08 17.16 -2.05
NA NA D . -9.74 10.30 1.66
NA NA E . 13.44 4.23 -3.01
CL CL F . 16.48 5.20 -0.68
#